data_2WF7
#
_entry.id   2WF7
#
_cell.length_a   37.500
_cell.length_b   54.300
_cell.length_c   104.700
_cell.angle_alpha   90.00
_cell.angle_beta   90.00
_cell.angle_gamma   90.00
#
_symmetry.space_group_name_H-M   'P 21 21 21'
#
loop_
_entity.id
_entity.type
_entity.pdbx_description
1 polymer BETA-PHOSPHOGLUCOMUTASE
2 non-polymer 'TETRAFLUOROALUMINATE ION'
3 non-polymer 'MAGNESIUM ION'
4 non-polymer 6,7-dideoxy-7-phosphono-beta-D-gluco-heptopyranose
5 water water
#
_entity_poly.entity_id   1
_entity_poly.type   'polypeptide(L)'
_entity_poly.pdbx_seq_one_letter_code
;MFKAVLFDLDGVITDTAEYHFRAWKALAEEIGINGVDRQFNEQLKGVSREDSLQKILDLADKKVSAEEFKELAKRKNDNY
VKMIQDVSPADVYPGILQLLKDLRSNKIKIALASASKNGPFLLERMNLTGYFDAIADPAEVAASKPAPDIFIAAAHAVGV
APSESIGLEDSQAGIQAIKDSGALPIGVGRPEDLGDDIVIVPDTSHYTLEFLKEVWLQKQK
;
_entity_poly.pdbx_strand_id   A
#
# COMPACT_ATOMS: atom_id res chain seq x y z
N MET A 1 -11.10 -21.76 -5.49
CA MET A 1 -9.89 -21.19 -4.83
C MET A 1 -9.64 -19.82 -5.43
N PHE A 2 -9.06 -18.91 -4.65
CA PHE A 2 -8.68 -17.62 -5.19
C PHE A 2 -7.66 -17.81 -6.31
N LYS A 3 -7.71 -16.90 -7.26
CA LYS A 3 -6.90 -16.97 -8.47
C LYS A 3 -5.87 -15.84 -8.59
N ALA A 4 -5.93 -14.84 -7.71
CA ALA A 4 -4.96 -13.76 -7.70
C ALA A 4 -4.80 -13.22 -6.28
N VAL A 5 -3.62 -12.68 -6.01
CA VAL A 5 -3.35 -11.88 -4.83
C VAL A 5 -2.89 -10.50 -5.30
N LEU A 6 -3.54 -9.48 -4.74
CA LEU A 6 -3.36 -8.08 -5.10
C LEU A 6 -2.64 -7.42 -3.93
N PHE A 7 -1.38 -7.04 -4.14
CA PHE A 7 -0.52 -6.54 -3.08
C PHE A 7 -0.47 -5.01 -3.03
N ASP A 8 -0.79 -4.44 -1.88
CA ASP A 8 -0.25 -3.13 -1.55
C ASP A 8 1.27 -3.29 -1.37
N LEU A 9 2.02 -2.17 -1.46
CA LEU A 9 3.48 -2.21 -1.29
CA LEU A 9 3.47 -2.17 -1.32
C LEU A 9 3.89 -1.69 0.08
N ASP A 10 3.64 -0.41 0.35
CA ASP A 10 4.21 0.22 1.55
C ASP A 10 3.53 -0.35 2.80
N GLY A 11 4.33 -0.91 3.71
CA GLY A 11 3.79 -1.52 4.91
C GLY A 11 3.29 -2.94 4.74
N VAL A 12 3.40 -3.50 3.53
CA VAL A 12 3.02 -4.88 3.24
C VAL A 12 4.23 -5.67 2.71
N ILE A 13 4.87 -5.17 1.66
CA ILE A 13 6.05 -5.82 1.09
C ILE A 13 7.32 -5.43 1.85
N THR A 14 7.36 -4.18 2.34
CA THR A 14 8.52 -3.66 3.06
C THR A 14 8.07 -2.48 3.93
N ASP A 15 9.00 -2.00 4.76
CA ASP A 15 8.75 -1.00 5.79
C ASP A 15 8.73 0.45 5.28
N THR A 16 8.30 0.68 4.05
CA THR A 16 8.31 2.02 3.48
C THR A 16 7.14 2.87 3.97
N ALA A 17 6.12 2.31 4.62
CA ALA A 17 5.12 3.16 5.28
C ALA A 17 5.80 4.05 6.33
N GLU A 18 6.80 3.49 7.03
CA GLU A 18 7.56 4.26 8.01
C GLU A 18 8.26 5.44 7.36
N TYR A 19 8.84 5.20 6.18
CA TYR A 19 9.57 6.25 5.45
C TYR A 19 8.62 7.34 4.93
N HIS A 20 7.47 6.97 4.39
CA HIS A 20 6.47 7.96 3.99
C HIS A 20 6.05 8.82 5.19
N PHE A 21 5.83 8.19 6.34
CA PHE A 21 5.46 8.91 7.55
C PHE A 21 6.55 9.91 7.94
N ARG A 22 7.80 9.45 8.00
CA ARG A 22 8.89 10.35 8.37
C ARG A 22 9.03 11.51 7.40
N ALA A 23 8.88 11.24 6.10
CA ALA A 23 8.99 12.30 5.09
C ALA A 23 7.83 13.30 5.16
N TRP A 24 6.60 12.80 5.34
CA TRP A 24 5.43 13.69 5.42
C TRP A 24 5.48 14.55 6.68
N LYS A 25 5.90 13.98 7.78
CA LYS A 25 5.98 14.71 9.02
C LYS A 25 7.04 15.81 8.89
N ALA A 26 8.19 15.51 8.29
CA ALA A 26 9.24 16.52 8.06
C ALA A 26 8.72 17.67 7.20
N LEU A 27 7.99 17.33 6.16
CA LEU A 27 7.38 18.34 5.28
CA LEU A 27 7.42 18.37 5.30
C LEU A 27 6.41 19.23 6.07
N ALA A 28 5.48 18.58 6.77
CA ALA A 28 4.45 19.28 7.52
C ALA A 28 5.09 20.28 8.48
N GLU A 29 6.10 19.85 9.21
CA GLU A 29 6.78 20.71 10.16
C GLU A 29 7.52 21.88 9.50
N GLU A 30 8.10 21.67 8.33
CA GLU A 30 8.76 22.77 7.59
C GLU A 30 7.77 23.89 7.30
N ILE A 31 6.49 23.55 7.14
CA ILE A 31 5.47 24.56 6.91
C ILE A 31 4.68 24.89 8.18
N GLY A 32 5.18 24.47 9.33
CA GLY A 32 4.63 24.88 10.60
C GLY A 32 3.39 24.15 11.04
N ILE A 33 3.19 22.93 10.56
CA ILE A 33 2.04 22.12 10.92
C ILE A 33 2.60 20.94 11.69
N ASN A 34 2.37 20.88 12.99
N ASN A 34 2.18 20.83 12.96
CA ASN A 34 2.73 19.65 13.67
CA ASN A 34 2.77 19.84 13.86
C ASN A 34 1.83 18.62 14.22
C ASN A 34 1.88 18.63 14.19
N GLY A 35 0.70 18.51 13.57
CA GLY A 35 -0.26 17.49 13.91
C GLY A 35 0.00 16.13 13.30
N VAL A 36 1.05 15.98 12.49
CA VAL A 36 1.32 14.72 11.83
C VAL A 36 2.12 13.80 12.76
N ASP A 37 1.37 13.12 13.63
CA ASP A 37 1.93 12.09 14.51
C ASP A 37 1.47 10.71 14.04
N ARG A 38 1.88 9.66 14.74
CA ARG A 38 1.55 8.32 14.28
C ARG A 38 0.04 8.08 14.20
N GLN A 39 -0.70 8.62 15.15
CA GLN A 39 -2.16 8.47 15.14
C GLN A 39 -2.75 9.12 13.89
N PHE A 40 -2.39 10.37 13.63
CA PHE A 40 -2.89 11.06 12.44
C PHE A 40 -2.46 10.32 11.18
N ASN A 41 -1.24 9.78 11.18
CA ASN A 41 -0.71 9.11 10.00
C ASN A 41 -1.54 7.92 9.57
N GLU A 42 -2.34 7.33 10.44
CA GLU A 42 -3.24 6.26 9.99
C GLU A 42 -4.21 6.77 8.91
N GLN A 43 -4.53 8.07 8.90
CA GLN A 43 -5.38 8.67 7.87
C GLN A 43 -4.63 8.93 6.56
N LEU A 44 -3.29 8.90 6.62
CA LEU A 44 -2.44 9.11 5.44
C LEU A 44 -2.03 7.81 4.75
N LYS A 45 -2.00 6.70 5.47
CA LYS A 45 -1.61 5.45 4.83
C LYS A 45 -2.59 5.15 3.70
N GLY A 46 -2.05 4.71 2.57
CA GLY A 46 -2.85 4.35 1.41
C GLY A 46 -3.24 5.49 0.48
N VAL A 47 -3.12 6.73 0.96
CA VAL A 47 -3.62 7.92 0.27
C VAL A 47 -2.53 8.44 -0.67
N SER A 48 -2.94 8.94 -1.84
CA SER A 48 -1.98 9.40 -2.84
C SER A 48 -1.12 10.56 -2.32
N ARG A 49 -0.09 10.89 -3.08
CA ARG A 49 0.83 11.95 -2.69
C ARG A 49 0.09 13.29 -2.52
N GLU A 50 -0.69 13.67 -3.52
CA GLU A 50 -1.37 14.96 -3.48
C GLU A 50 -2.49 14.95 -2.44
N ASP A 51 -3.21 13.83 -2.33
CA ASP A 51 -4.26 13.72 -1.32
C ASP A 51 -3.66 13.76 0.10
N SER A 52 -2.47 13.21 0.28
CA SER A 52 -1.80 13.25 1.59
C SER A 52 -1.45 14.69 1.97
N LEU A 53 -0.85 15.42 1.04
CA LEU A 53 -0.52 16.82 1.30
C LEU A 53 -1.78 17.61 1.64
N GLN A 54 -2.87 17.38 0.90
CA GLN A 54 -4.10 18.11 1.17
C GLN A 54 -4.66 17.79 2.55
N LYS A 55 -4.60 16.54 2.97
CA LYS A 55 -5.06 16.16 4.30
CA LYS A 55 -5.04 16.16 4.31
C LYS A 55 -4.23 16.87 5.38
N ILE A 56 -2.92 17.00 5.15
CA ILE A 56 -2.04 17.70 6.10
C ILE A 56 -2.39 19.19 6.16
N LEU A 57 -2.56 19.82 5.01
CA LEU A 57 -2.99 21.22 4.96
C LEU A 57 -4.36 21.41 5.64
N ASP A 58 -5.28 20.49 5.38
CA ASP A 58 -6.64 20.58 5.94
C ASP A 58 -6.64 20.42 7.44
N LEU A 59 -5.77 19.53 7.94
CA LEU A 59 -5.60 19.38 9.38
C LEU A 59 -5.36 20.73 10.05
N ALA A 60 -4.57 21.58 9.39
CA ALA A 60 -4.18 22.89 9.91
C ALA A 60 -5.03 24.07 9.43
N ASP A 61 -6.03 23.81 8.57
CA ASP A 61 -6.81 24.88 7.93
C ASP A 61 -5.95 25.81 7.05
N LYS A 62 -4.88 25.28 6.48
CA LYS A 62 -3.88 26.09 5.77
C LYS A 62 -4.12 26.13 4.26
N LYS A 63 -3.86 27.31 3.66
CA LYS A 63 -4.23 27.62 2.28
C LYS A 63 -3.05 28.13 1.40
N VAL A 64 -2.32 27.22 0.78
CA VAL A 64 -1.12 27.59 0.02
C VAL A 64 -1.47 27.83 -1.46
N SER A 65 -0.58 28.52 -2.17
CA SER A 65 -0.78 28.73 -3.60
C SER A 65 -0.64 27.41 -4.36
N ALA A 66 -1.21 27.35 -5.56
CA ALA A 66 -1.06 26.18 -6.43
C ALA A 66 0.43 25.89 -6.69
N GLU A 67 1.21 26.94 -6.89
CA GLU A 67 2.64 26.79 -7.12
C GLU A 67 3.34 26.18 -5.90
N GLU A 68 3.00 26.65 -4.71
CA GLU A 68 3.58 26.12 -3.49
C GLU A 68 3.14 24.68 -3.25
N PHE A 69 1.88 24.37 -3.52
CA PHE A 69 1.38 23.00 -3.36
C PHE A 69 2.24 22.03 -4.18
N LYS A 70 2.45 22.37 -5.45
CA LYS A 70 3.25 21.54 -6.33
C LYS A 70 4.69 21.39 -5.81
N GLU A 71 5.27 22.49 -5.33
CA GLU A 71 6.63 22.46 -4.80
C GLU A 71 6.73 21.59 -3.56
N LEU A 72 5.74 21.68 -2.67
CA LEU A 72 5.74 20.89 -1.44
C LEU A 72 5.66 19.39 -1.73
N ALA A 73 4.76 19.00 -2.64
CA ALA A 73 4.64 17.59 -3.01
C ALA A 73 5.95 17.07 -3.61
N LYS A 74 6.57 17.88 -4.47
CA LYS A 74 7.83 17.52 -5.08
C LYS A 74 8.94 17.42 -4.02
N ARG A 75 8.97 18.37 -3.08
CA ARG A 75 9.97 18.35 -2.03
C ARG A 75 9.90 17.08 -1.20
N LYS A 76 8.69 16.72 -0.79
CA LYS A 76 8.52 15.48 -0.04
C LYS A 76 8.95 14.28 -0.86
N ASN A 77 8.57 14.22 -2.14
CA ASN A 77 8.97 13.09 -2.95
C ASN A 77 10.47 13.01 -3.13
N ASP A 78 11.11 14.15 -3.35
CA ASP A 78 12.57 14.14 -3.52
C ASP A 78 13.26 13.58 -2.27
N ASN A 79 12.78 13.99 -1.10
CA ASN A 79 13.32 13.50 0.17
C ASN A 79 13.08 11.98 0.31
N TYR A 80 11.85 11.55 0.07
CA TYR A 80 11.50 10.13 0.13
C TYR A 80 12.36 9.29 -0.81
N VAL A 81 12.53 9.77 -2.04
CA VAL A 81 13.33 9.04 -3.02
C VAL A 81 14.79 8.93 -2.58
N LYS A 82 15.34 9.96 -1.95
CA LYS A 82 16.66 9.83 -1.33
C LYS A 82 16.67 8.79 -0.22
N MET A 83 15.63 8.79 0.62
CA MET A 83 15.55 7.80 1.72
C MET A 83 15.62 6.37 1.25
N ILE A 84 14.95 6.06 0.14
CA ILE A 84 14.81 4.68 -0.29
C ILE A 84 15.94 4.16 -1.18
N GLN A 85 16.97 4.94 -1.46
CA GLN A 85 18.02 4.46 -2.36
C GLN A 85 18.70 3.19 -1.87
N ASP A 86 18.86 3.03 -0.56
CA ASP A 86 19.56 1.87 -0.02
C ASP A 86 18.63 0.68 0.30
N VAL A 87 17.34 0.78 0.00
CA VAL A 87 16.47 -0.39 0.12
C VAL A 87 17.06 -1.53 -0.70
N SER A 88 17.00 -2.74 -0.15
CA SER A 88 17.61 -3.90 -0.80
C SER A 88 16.75 -5.14 -0.53
N PRO A 89 17.15 -6.31 -1.08
CA PRO A 89 16.39 -7.51 -0.78
C PRO A 89 16.33 -7.84 0.72
N ALA A 90 17.31 -7.38 1.50
CA ALA A 90 17.30 -7.62 2.93
C ALA A 90 16.14 -6.92 3.63
N ASP A 91 15.54 -5.92 2.98
CA ASP A 91 14.43 -5.16 3.56
C ASP A 91 13.07 -5.74 3.26
N VAL A 92 12.98 -6.81 2.47
CA VAL A 92 11.68 -7.43 2.24
C VAL A 92 11.16 -7.95 3.58
N TYR A 93 9.89 -7.70 3.85
CA TYR A 93 9.30 -8.10 5.11
C TYR A 93 9.25 -9.62 5.23
N PRO A 94 9.25 -10.13 6.47
CA PRO A 94 9.15 -11.56 6.72
CA PRO A 94 9.21 -11.58 6.63
C PRO A 94 7.97 -12.20 6.00
N GLY A 95 8.19 -13.36 5.39
CA GLY A 95 7.14 -14.12 4.75
C GLY A 95 6.86 -13.75 3.32
N ILE A 96 7.17 -12.53 2.91
CA ILE A 96 6.71 -12.04 1.62
C ILE A 96 7.39 -12.76 0.44
N LEU A 97 8.72 -12.91 0.47
CA LEU A 97 9.39 -13.57 -0.63
C LEU A 97 8.91 -15.01 -0.79
N GLN A 98 8.77 -15.72 0.31
CA GLN A 98 8.30 -17.11 0.24
C GLN A 98 6.85 -17.20 -0.26
N LEU A 99 6.02 -16.24 0.15
CA LEU A 99 4.64 -16.19 -0.32
C LEU A 99 4.61 -16.03 -1.84
N LEU A 100 5.41 -15.11 -2.36
CA LEU A 100 5.46 -14.91 -3.79
C LEU A 100 5.88 -16.19 -4.52
N LYS A 101 6.90 -16.86 -4.01
CA LYS A 101 7.35 -18.12 -4.61
C LYS A 101 6.25 -19.18 -4.56
N ASP A 102 5.57 -19.28 -3.43
CA ASP A 102 4.54 -20.30 -3.26
C ASP A 102 3.32 -20.01 -4.14
N LEU A 103 2.94 -18.73 -4.26
CA LEU A 103 1.85 -18.36 -5.17
C LEU A 103 2.18 -18.74 -6.61
N ARG A 104 3.38 -18.44 -7.07
CA ARG A 104 3.74 -18.79 -8.44
C ARG A 104 3.73 -20.29 -8.67
N SER A 105 4.20 -21.06 -7.70
CA SER A 105 4.20 -22.50 -7.83
CA SER A 105 4.19 -22.53 -7.81
C SER A 105 2.78 -23.07 -7.95
N ASN A 106 1.82 -22.40 -7.32
CA ASN A 106 0.41 -22.80 -7.35
C ASN A 106 -0.40 -22.10 -8.44
N LYS A 107 0.28 -21.41 -9.34
CA LYS A 107 -0.34 -20.77 -10.51
C LYS A 107 -1.36 -19.71 -10.11
N ILE A 108 -1.09 -19.01 -9.01
CA ILE A 108 -1.95 -17.92 -8.56
C ILE A 108 -1.28 -16.62 -9.02
N LYS A 109 -2.04 -15.79 -9.72
CA LYS A 109 -1.51 -14.55 -10.25
C LYS A 109 -1.14 -13.57 -9.14
N ILE A 110 -0.12 -12.75 -9.43
CA ILE A 110 0.40 -11.77 -8.48
C ILE A 110 0.39 -10.40 -9.15
N ALA A 111 -0.31 -9.44 -8.55
CA ALA A 111 -0.38 -8.09 -9.09
C ALA A 111 -0.08 -7.06 -8.02
N LEU A 112 0.58 -5.97 -8.41
CA LEU A 112 0.80 -4.85 -7.50
C LEU A 112 -0.36 -3.86 -7.64
N ALA A 113 -0.99 -3.55 -6.52
CA ALA A 113 -2.07 -2.58 -6.43
C ALA A 113 -1.61 -1.45 -5.51
N SER A 114 -0.53 -0.79 -5.89
CA SER A 114 0.04 0.29 -5.10
C SER A 114 -0.27 1.65 -5.73
N ALA A 115 -0.53 2.61 -4.85
CA ALA A 115 -0.66 4.01 -5.21
C ALA A 115 0.68 4.65 -5.55
N SER A 116 1.78 4.00 -5.21
CA SER A 116 3.09 4.66 -5.27
C SER A 116 3.67 4.69 -6.68
N LYS A 117 4.00 5.90 -7.14
CA LYS A 117 4.70 6.04 -8.40
C LYS A 117 6.14 5.51 -8.30
N ASN A 118 6.63 5.37 -7.07
CA ASN A 118 7.95 4.79 -6.79
C ASN A 118 7.91 3.26 -6.67
N GLY A 119 6.74 2.65 -6.93
CA GLY A 119 6.59 1.21 -6.80
C GLY A 119 7.54 0.40 -7.65
N PRO A 120 7.60 0.66 -8.97
CA PRO A 120 8.50 -0.14 -9.80
C PRO A 120 9.97 -0.06 -9.37
N PHE A 121 10.42 1.13 -8.98
CA PHE A 121 11.77 1.29 -8.49
C PHE A 121 12.02 0.43 -7.23
N LEU A 122 11.08 0.45 -6.30
CA LEU A 122 11.19 -0.33 -5.07
C LEU A 122 11.22 -1.83 -5.33
N LEU A 123 10.36 -2.32 -6.21
CA LEU A 123 10.40 -3.75 -6.53
C LEU A 123 11.73 -4.14 -7.16
N GLU A 124 12.30 -3.27 -7.98
CA GLU A 124 13.62 -3.54 -8.53
C GLU A 124 14.71 -3.55 -7.44
N ARG A 125 14.67 -2.57 -6.53
CA ARG A 125 15.61 -2.53 -5.41
C ARG A 125 15.59 -3.83 -4.61
N MET A 126 14.40 -4.40 -4.44
CA MET A 126 14.21 -5.60 -3.61
C MET A 126 14.34 -6.91 -4.37
N ASN A 127 14.66 -6.84 -5.67
CA ASN A 127 14.72 -8.04 -6.52
C ASN A 127 13.42 -8.82 -6.49
N LEU A 128 12.32 -8.08 -6.60
CA LEU A 128 10.98 -8.68 -6.61
C LEU A 128 10.22 -8.55 -7.92
N THR A 129 10.72 -7.77 -8.87
CA THR A 129 9.94 -7.50 -10.07
C THR A 129 9.48 -8.76 -10.78
N GLY A 130 10.37 -9.75 -10.87
CA GLY A 130 10.06 -10.99 -11.56
C GLY A 130 8.97 -11.84 -10.95
N TYR A 131 8.57 -11.54 -9.73
CA TYR A 131 7.45 -12.25 -9.13
C TYR A 131 6.09 -11.73 -9.58
N PHE A 132 6.05 -10.50 -10.10
CA PHE A 132 4.79 -9.85 -10.41
C PHE A 132 4.34 -10.08 -11.84
N ASP A 133 3.12 -10.57 -11.97
CA ASP A 133 2.52 -10.74 -13.29
C ASP A 133 2.02 -9.42 -13.86
N ALA A 134 1.69 -8.47 -12.99
CA ALA A 134 1.32 -7.13 -13.42
C ALA A 134 1.58 -6.14 -12.32
N ILE A 135 1.79 -4.89 -12.74
CA ILE A 135 1.86 -3.73 -11.87
C ILE A 135 0.82 -2.76 -12.39
N ALA A 136 -0.23 -2.50 -11.62
CA ALA A 136 -1.23 -1.53 -12.02
C ALA A 136 -0.62 -0.14 -11.87
N ASP A 137 -0.60 0.62 -12.96
CA ASP A 137 -0.03 1.96 -12.96
C ASP A 137 -1.00 2.92 -12.25
N PRO A 138 -0.59 3.51 -11.10
CA PRO A 138 -1.51 4.37 -10.36
C PRO A 138 -1.81 5.70 -11.04
N ALA A 139 -1.00 6.07 -12.04
CA ALA A 139 -1.31 7.26 -12.85
C ALA A 139 -2.44 7.01 -13.85
N GLU A 140 -2.75 5.75 -14.14
CA GLU A 140 -3.77 5.40 -15.15
C GLU A 140 -5.19 5.44 -14.58
N VAL A 141 -5.39 5.06 -13.31
CA VAL A 141 -6.75 5.04 -12.73
C VAL A 141 -7.36 6.43 -12.56
N ALA A 142 -8.69 6.53 -12.66
CA ALA A 142 -9.38 7.83 -12.51
C ALA A 142 -9.56 8.23 -11.05
N ALA A 143 -9.51 7.27 -10.12
CA ALA A 143 -9.73 7.53 -8.69
C ALA A 143 -8.79 6.68 -7.83
N SER A 144 -8.17 7.30 -6.82
CA SER A 144 -7.19 6.67 -5.92
CA SER A 144 -7.21 6.59 -5.96
C SER A 144 -7.84 6.14 -4.63
N LYS A 145 -7.10 5.36 -3.82
CA LYS A 145 -7.63 4.81 -2.56
C LYS A 145 -8.19 5.93 -1.66
N PRO A 146 -9.36 5.73 -1.00
CA PRO A 146 -10.12 4.49 -0.79
C PRO A 146 -11.06 4.02 -1.90
N ALA A 147 -11.05 4.69 -3.04
CA ALA A 147 -11.77 4.16 -4.20
C ALA A 147 -11.14 2.82 -4.59
N PRO A 148 -11.96 1.89 -5.10
CA PRO A 148 -11.47 0.54 -5.41
C PRO A 148 -10.69 0.40 -6.71
N ASP A 149 -10.61 1.46 -7.51
CA ASP A 149 -10.14 1.40 -8.88
C ASP A 149 -8.80 0.67 -9.05
N ILE A 150 -7.83 0.98 -8.18
CA ILE A 150 -6.50 0.38 -8.32
C ILE A 150 -6.51 -1.15 -8.11
N PHE A 151 -7.35 -1.63 -7.20
CA PHE A 151 -7.49 -3.08 -6.99
C PHE A 151 -8.23 -3.74 -8.15
N ILE A 152 -9.27 -3.08 -8.65
CA ILE A 152 -9.96 -3.55 -9.84
C ILE A 152 -8.99 -3.64 -11.05
N ALA A 153 -8.16 -2.61 -11.23
CA ALA A 153 -7.21 -2.58 -12.33
C ALA A 153 -6.15 -3.67 -12.20
N ALA A 154 -5.68 -3.90 -10.98
CA ALA A 154 -4.69 -4.94 -10.72
C ALA A 154 -5.24 -6.32 -11.07
N ALA A 155 -6.47 -6.60 -10.65
CA ALA A 155 -7.12 -7.87 -10.95
C ALA A 155 -7.33 -8.03 -12.46
N HIS A 156 -7.83 -6.97 -13.11
CA HIS A 156 -8.01 -7.00 -14.57
C HIS A 156 -6.73 -7.27 -15.34
N ALA A 157 -5.64 -6.67 -14.86
CA ALA A 157 -4.35 -6.81 -15.53
C ALA A 157 -3.84 -8.25 -15.53
N VAL A 158 -4.30 -9.08 -14.59
CA VAL A 158 -3.91 -10.50 -14.57
C VAL A 158 -5.05 -11.43 -14.98
N GLY A 159 -6.12 -10.86 -15.53
CA GLY A 159 -7.24 -11.65 -16.07
C GLY A 159 -8.08 -12.38 -15.04
N VAL A 160 -8.16 -11.82 -13.83
CA VAL A 160 -8.88 -12.46 -12.73
C VAL A 160 -9.94 -11.51 -12.20
N ALA A 161 -11.12 -12.03 -11.90
CA ALA A 161 -12.16 -11.22 -11.27
C ALA A 161 -11.75 -10.77 -9.87
N PRO A 162 -12.06 -9.52 -9.49
CA PRO A 162 -11.80 -9.11 -8.11
C PRO A 162 -12.41 -10.05 -7.07
N SER A 163 -13.60 -10.57 -7.34
CA SER A 163 -14.26 -11.49 -6.41
C SER A 163 -13.52 -12.82 -6.25
N GLU A 164 -12.59 -13.14 -7.14
CA GLU A 164 -11.76 -14.33 -6.98
C GLU A 164 -10.33 -13.95 -6.56
N SER A 165 -10.20 -12.78 -5.92
CA SER A 165 -8.92 -12.27 -5.49
C SER A 165 -8.89 -11.99 -4.00
N ILE A 166 -7.68 -12.06 -3.43
CA ILE A 166 -7.36 -11.58 -2.08
C ILE A 166 -6.54 -10.30 -2.21
N GLY A 167 -6.86 -9.30 -1.41
CA GLY A 167 -6.04 -8.09 -1.31
C GLY A 167 -5.36 -8.01 0.05
N LEU A 168 -4.08 -7.61 0.03
CA LEU A 168 -3.27 -7.48 1.25
C LEU A 168 -2.96 -5.99 1.47
N GLU A 169 -3.31 -5.48 2.65
CA GLU A 169 -3.23 -4.05 2.96
C GLU A 169 -2.86 -3.81 4.41
N ASP A 170 -2.19 -2.69 4.66
CA ASP A 170 -1.89 -2.22 6.01
C ASP A 170 -2.64 -0.94 6.38
N SER A 171 -3.53 -0.43 5.51
CA SER A 171 -4.13 0.88 5.74
C SER A 171 -5.65 0.85 5.80
N GLN A 172 -6.22 1.80 6.53
CA GLN A 172 -7.67 1.99 6.55
C GLN A 172 -8.21 2.25 5.15
N ALA A 173 -7.60 3.18 4.43
CA ALA A 173 -8.08 3.54 3.09
C ALA A 173 -8.00 2.36 2.13
N GLY A 174 -6.91 1.61 2.22
CA GLY A 174 -6.73 0.46 1.34
C GLY A 174 -7.68 -0.68 1.64
N ILE A 175 -7.95 -0.94 2.91
CA ILE A 175 -8.94 -1.96 3.28
CA ILE A 175 -8.94 -1.96 3.28
C ILE A 175 -10.31 -1.62 2.70
N GLN A 176 -10.68 -0.35 2.76
CA GLN A 176 -11.96 0.09 2.18
C GLN A 176 -11.95 -0.12 0.67
N ALA A 177 -10.83 0.22 0.03
CA ALA A 177 -10.69 0.02 -1.40
C ALA A 177 -10.84 -1.45 -1.78
N ILE A 178 -10.24 -2.35 -0.99
CA ILE A 178 -10.38 -3.79 -1.27
C ILE A 178 -11.86 -4.20 -1.13
N LYS A 179 -12.47 -3.82 -0.02
CA LYS A 179 -13.89 -4.16 0.20
C LYS A 179 -14.74 -3.75 -1.00
N ASP A 180 -14.57 -2.52 -1.45
CA ASP A 180 -15.42 -2.00 -2.51
C ASP A 180 -15.07 -2.53 -3.90
N SER A 181 -13.93 -3.20 -4.04
CA SER A 181 -13.57 -3.87 -5.28
C SER A 181 -14.26 -5.23 -5.44
N GLY A 182 -14.65 -5.83 -4.32
CA GLY A 182 -15.19 -7.19 -4.30
C GLY A 182 -14.20 -8.27 -3.89
N ALA A 183 -12.91 -7.92 -3.81
CA ALA A 183 -11.88 -8.84 -3.34
C ALA A 183 -11.97 -9.02 -1.82
N LEU A 184 -11.30 -10.04 -1.32
CA LEU A 184 -11.30 -10.35 0.11
C LEU A 184 -10.09 -9.72 0.77
N PRO A 185 -10.29 -8.82 1.76
CA PRO A 185 -9.14 -8.19 2.41
C PRO A 185 -8.56 -9.03 3.54
N ILE A 186 -7.23 -9.05 3.64
CA ILE A 186 -6.58 -9.52 4.84
C ILE A 186 -5.60 -8.42 5.25
N GLY A 187 -5.86 -7.78 6.37
CA GLY A 187 -5.04 -6.67 6.80
C GLY A 187 -3.87 -7.10 7.66
N VAL A 188 -2.84 -6.27 7.68
CA VAL A 188 -1.69 -6.46 8.56
C VAL A 188 -1.50 -5.20 9.41
N GLY A 189 -1.55 -5.39 10.71
CA GLY A 189 -1.43 -4.30 11.68
C GLY A 189 -2.27 -4.57 12.92
N ARG A 190 -2.73 -3.49 13.56
CA ARG A 190 -3.57 -3.56 14.77
C ARG A 190 -5.07 -3.43 14.43
N PRO A 191 -5.94 -4.28 15.00
CA PRO A 191 -7.40 -4.08 14.78
C PRO A 191 -7.88 -2.72 15.29
N GLU A 192 -7.20 -2.18 16.28
CA GLU A 192 -7.44 -0.82 16.78
C GLU A 192 -7.32 0.21 15.67
N ASP A 193 -6.43 -0.04 14.71
CA ASP A 193 -6.27 0.82 13.54
C ASP A 193 -7.12 0.37 12.35
N LEU A 194 -7.23 -0.94 12.11
CA LEU A 194 -7.77 -1.45 10.84
C LEU A 194 -9.20 -2.01 10.90
N GLY A 195 -9.71 -2.19 12.11
CA GLY A 195 -11.10 -2.63 12.33
C GLY A 195 -11.22 -4.04 12.85
N ASP A 196 -12.36 -4.33 13.48
CA ASP A 196 -12.65 -5.67 14.03
C ASP A 196 -13.54 -6.52 13.12
N ASP A 197 -13.73 -6.08 11.87
CA ASP A 197 -14.69 -6.70 10.94
C ASP A 197 -14.07 -7.48 9.77
N ILE A 198 -12.75 -7.47 9.64
CA ILE A 198 -12.06 -8.30 8.64
C ILE A 198 -10.97 -9.11 9.33
N VAL A 199 -10.40 -10.06 8.60
CA VAL A 199 -9.26 -10.79 9.12
C VAL A 199 -8.05 -9.86 9.15
N ILE A 200 -7.41 -9.79 10.31
CA ILE A 200 -6.21 -8.98 10.51
C ILE A 200 -5.13 -9.85 11.15
N VAL A 201 -3.90 -9.72 10.65
CA VAL A 201 -2.76 -10.44 11.21
C VAL A 201 -1.79 -9.40 11.78
N PRO A 202 -1.00 -9.78 12.78
CA PRO A 202 -0.17 -8.77 13.44
C PRO A 202 1.12 -8.40 12.69
N ASP A 203 1.60 -9.29 11.81
CA ASP A 203 2.81 -9.05 11.05
C ASP A 203 2.77 -9.95 9.82
N THR A 204 3.62 -9.66 8.84
CA THR A 204 3.55 -10.32 7.56
C THR A 204 4.03 -11.77 7.55
N SER A 205 4.68 -12.25 8.60
CA SER A 205 5.02 -13.67 8.66
C SER A 205 3.76 -14.54 8.57
N HIS A 206 2.62 -13.98 8.98
CA HIS A 206 1.32 -14.63 8.90
C HIS A 206 0.77 -14.80 7.49
N TYR A 207 1.32 -14.03 6.55
CA TYR A 207 0.92 -14.13 5.16
C TYR A 207 1.64 -15.32 4.50
N THR A 208 1.12 -16.51 4.72
CA THR A 208 1.56 -17.73 4.07
C THR A 208 0.46 -18.16 3.12
N LEU A 209 0.82 -18.89 2.09
CA LEU A 209 -0.19 -19.45 1.22
C LEU A 209 -1.15 -20.31 2.04
N GLU A 210 -0.64 -21.07 3.02
CA GLU A 210 -1.49 -21.92 3.86
CA GLU A 210 -1.44 -21.90 3.89
C GLU A 210 -2.57 -21.06 4.53
N PHE A 211 -2.19 -19.92 5.09
CA PHE A 211 -3.17 -19.07 5.77
C PHE A 211 -4.15 -18.42 4.82
N LEU A 212 -3.69 -17.96 3.66
CA LEU A 212 -4.61 -17.42 2.67
C LEU A 212 -5.67 -18.47 2.29
N LYS A 213 -5.26 -19.73 2.13
CA LYS A 213 -6.20 -20.81 1.88
C LYS A 213 -7.14 -21.02 3.07
N GLU A 214 -6.59 -21.00 4.28
CA GLU A 214 -7.37 -21.16 5.51
C GLU A 214 -8.49 -20.12 5.54
N VAL A 215 -8.14 -18.87 5.25
CA VAL A 215 -9.11 -17.77 5.24
C VAL A 215 -10.14 -17.90 4.12
N TRP A 216 -9.68 -18.22 2.93
CA TRP A 216 -10.57 -18.35 1.78
C TRP A 216 -11.62 -19.43 2.01
N LEU A 217 -11.18 -20.55 2.58
CA LEU A 217 -12.06 -21.70 2.86
C LEU A 217 -13.07 -21.30 3.95
N GLN A 218 -12.68 -20.42 4.86
N GLN A 218 -12.61 -20.50 4.91
CA GLN A 218 -13.63 -19.56 5.58
CA GLN A 218 -13.41 -19.78 5.91
C GLN A 218 -14.71 -20.31 6.34
C GLN A 218 -13.10 -20.33 7.31
#